data_3MNP
#
_entry.id   3MNP
#
_cell.length_a   72.089
_cell.length_b   72.089
_cell.length_c   128.827
_cell.angle_alpha   90.00
_cell.angle_beta   90.00
_cell.angle_gamma   120.00
#
_symmetry.space_group_name_H-M   'P 65'
#
loop_
_entity.id
_entity.type
_entity.pdbx_description
1 polymer 'Glucocorticoid receptor'
2 polymer 'Nuclear receptor coactivator 2 peptide'
3 non-polymer GLYCEROL
4 non-polymer DEXAMETHASONE
5 non-polymer 'THIOCYANATE ION'
6 water water
#
loop_
_entity_poly.entity_id
_entity_poly.type
_entity_poly.pdbx_seq_one_letter_code
_entity_poly.pdbx_strand_id
1 'polypeptide(L)'
;GSHMVPAALPQLTPTLVSLLEVIEPEVLYAGYDSSVPDSAWRIMTTLNMLGGRQVIAAVKWAKAIPGFRNLHLDDQMTLL
QYSWMFLMVFALGWRSYRQASGNLLCFAPDLIINEQRMTLPCMYDQCKHMLFISTELQRLQVSYEEYLCMKTLLLLSSVP
KEGLKSQELFDEIRMTYIKELGKAIAKRGGNSSQNWQRFYQLTKLLDSMHDVVENLLSYCFQTFLDKSMSIEFPEMLAEI
ITNQIPKYSNGNIKKLLFHQK
;
A
2 'polypeptide(L)' KENALLRYLLDKD B
#
loop_
_chem_comp.id
_chem_comp.type
_chem_comp.name
_chem_comp.formula
DEX non-polymer DEXAMETHASONE 'C22 H29 F O5'
GOL non-polymer GLYCEROL 'C3 H8 O3'
SCN non-polymer 'THIOCYANATE ION' 'C N S -1'
#
# COMPACT_ATOMS: atom_id res chain seq x y z
N MET A 4 -11.43 -22.50 -27.47
CA MET A 4 -9.99 -22.67 -27.26
C MET A 4 -9.23 -21.56 -27.97
N VAL A 5 -8.15 -21.08 -27.34
CA VAL A 5 -7.34 -20.02 -27.92
C VAL A 5 -5.86 -20.32 -27.66
N PRO A 6 -4.97 -19.77 -28.49
CA PRO A 6 -3.54 -20.02 -28.26
C PRO A 6 -3.08 -19.28 -27.00
N ALA A 7 -1.96 -19.73 -26.43
CA ALA A 7 -1.33 -19.04 -25.31
C ALA A 7 -0.78 -17.72 -25.90
N ALA A 8 -0.81 -16.67 -25.10
CA ALA A 8 -0.26 -15.38 -25.52
C ALA A 8 -0.16 -14.46 -24.34
N LEU A 9 0.79 -13.53 -24.36
CA LEU A 9 0.88 -12.49 -23.33
C LEU A 9 -0.13 -11.41 -23.74
N PRO A 10 -0.77 -10.76 -22.74
CA PRO A 10 -1.76 -9.73 -23.06
C PRO A 10 -1.14 -8.54 -23.78
N GLN A 11 -1.93 -7.87 -24.60
CA GLN A 11 -1.41 -6.78 -25.42
C GLN A 11 -1.24 -5.50 -24.66
N LEU A 12 0.01 -5.09 -24.53
N LEU A 12 0.02 -5.11 -24.45
CA LEU A 12 0.30 -3.82 -23.94
CA LEU A 12 0.40 -3.86 -23.76
C LEU A 12 -0.15 -2.74 -24.90
C LEU A 12 0.30 -2.66 -24.71
N THR A 13 -0.42 -1.60 -24.32
CA THR A 13 -0.67 -0.41 -25.13
C THR A 13 0.22 0.68 -24.57
N PRO A 14 0.45 1.74 -25.34
CA PRO A 14 1.33 2.83 -24.90
C PRO A 14 0.61 3.82 -23.99
N THR A 15 0.18 3.30 -22.84
CA THR A 15 -0.47 4.11 -21.79
C THR A 15 0.08 3.65 -20.45
N LEU A 16 0.08 4.56 -19.47
CA LEU A 16 0.62 4.19 -18.15
C LEU A 16 -0.20 3.12 -17.46
N VAL A 17 -1.51 3.21 -17.57
CA VAL A 17 -2.38 2.23 -16.91
C VAL A 17 -2.23 0.82 -17.47
N SER A 18 -1.94 0.75 -18.77
CA SER A 18 -1.70 -0.58 -19.37
C SER A 18 -0.44 -1.19 -18.73
N LEU A 19 0.62 -0.40 -18.54
CA LEU A 19 1.85 -0.89 -17.91
C LEU A 19 1.56 -1.24 -16.46
N LEU A 20 0.84 -0.36 -15.76
CA LEU A 20 0.53 -0.68 -14.36
C LEU A 20 -0.14 -2.04 -14.24
N GLU A 21 -1.07 -2.34 -15.13
CA GLU A 21 -1.75 -3.62 -15.09
C GLU A 21 -0.79 -4.79 -15.27
N VAL A 22 0.18 -4.67 -16.19
CA VAL A 22 1.11 -5.77 -16.36
C VAL A 22 2.14 -5.93 -15.24
N ILE A 23 2.53 -4.84 -14.58
CA ILE A 23 3.53 -4.94 -13.53
C ILE A 23 2.93 -5.21 -12.14
N GLU A 24 1.60 -5.14 -12.01
CA GLU A 24 0.97 -5.34 -10.67
C GLU A 24 1.33 -6.75 -10.21
N PRO A 25 1.96 -6.86 -9.02
CA PRO A 25 2.32 -8.20 -8.51
C PRO A 25 1.11 -9.05 -8.23
N GLU A 26 1.25 -10.34 -8.45
CA GLU A 26 0.17 -11.31 -8.24
C GLU A 26 -0.13 -11.35 -6.73
N VAL A 27 -1.38 -11.66 -6.38
CA VAL A 27 -1.76 -11.77 -4.95
C VAL A 27 -1.03 -12.97 -4.34
N LEU A 28 -0.38 -12.74 -3.21
CA LEU A 28 0.41 -13.79 -2.55
C LEU A 28 -0.45 -14.58 -1.58
N TYR A 29 -0.16 -15.86 -1.46
CA TYR A 29 -0.84 -16.71 -0.49
C TYR A 29 0.05 -16.63 0.74
N ALA A 30 -0.54 -16.75 1.92
CA ALA A 30 0.24 -16.70 3.15
C ALA A 30 0.98 -18.03 3.44
N GLY A 31 0.41 -19.14 3.00
CA GLY A 31 0.96 -20.45 3.29
C GLY A 31 0.55 -20.67 4.73
N TYR A 32 -0.69 -20.27 5.01
CA TYR A 32 -1.23 -20.29 6.35
C TYR A 32 -1.51 -21.67 6.96
N ASP A 33 -0.86 -21.93 8.08
CA ASP A 33 -1.09 -23.13 8.87
C ASP A 33 -2.26 -22.83 9.82
N SER A 34 -3.47 -23.13 9.40
CA SER A 34 -4.67 -22.83 10.19
C SER A 34 -4.90 -23.74 11.40
N SER A 35 -3.93 -24.62 11.69
CA SER A 35 -4.06 -25.52 12.84
C SER A 35 -3.78 -24.81 14.16
N VAL A 36 -3.17 -23.64 14.10
CA VAL A 36 -2.83 -22.88 15.30
C VAL A 36 -4.07 -22.41 16.05
N PRO A 37 -3.93 -22.20 17.37
CA PRO A 37 -5.12 -21.67 18.05
C PRO A 37 -5.21 -20.19 17.71
N ASP A 38 -6.40 -19.64 17.89
CA ASP A 38 -6.65 -18.24 17.65
C ASP A 38 -6.05 -17.40 18.78
N SER A 39 -5.19 -16.46 18.38
CA SER A 39 -4.55 -15.57 19.34
C SER A 39 -4.08 -14.32 18.63
N ALA A 40 -4.33 -13.17 19.24
CA ALA A 40 -3.90 -11.90 18.61
C ALA A 40 -2.41 -11.82 18.35
N TRP A 41 -1.58 -12.29 19.28
CA TRP A 41 -0.14 -12.23 19.07
C TRP A 41 0.30 -13.13 17.95
N ARG A 42 -0.30 -14.31 17.88
CA ARG A 42 0.10 -15.23 16.81
C ARG A 42 -0.33 -14.63 15.47
N ILE A 43 -1.54 -14.08 15.43
CA ILE A 43 -2.05 -13.48 14.18
C ILE A 43 -1.12 -12.35 13.73
N MET A 44 -0.79 -11.46 14.67
CA MET A 44 0.09 -10.33 14.33
C MET A 44 1.42 -10.79 13.71
N THR A 45 2.07 -11.79 14.32
CA THR A 45 3.31 -12.31 13.74
C THR A 45 3.05 -12.83 12.32
N THR A 46 2.00 -13.61 12.14
CA THR A 46 1.67 -14.16 10.83
C THR A 46 1.48 -13.05 9.77
N LEU A 47 0.78 -12.00 10.18
CA LEU A 47 0.55 -10.88 9.28
C LEU A 47 1.88 -10.20 8.93
N ASN A 48 2.76 -10.04 9.91
CA ASN A 48 4.04 -9.44 9.60
C ASN A 48 4.90 -10.26 8.62
N MET A 49 4.87 -11.59 8.77
CA MET A 49 5.66 -12.45 7.86
C MET A 49 5.08 -12.32 6.42
N LEU A 50 3.75 -12.27 6.31
CA LEU A 50 3.14 -12.06 4.99
C LEU A 50 3.53 -10.67 4.46
N GLY A 51 3.46 -9.69 5.35
CA GLY A 51 3.79 -8.32 5.01
C GLY A 51 5.21 -8.17 4.47
N GLY A 52 6.18 -8.90 5.02
CA GLY A 52 7.53 -8.73 4.50
C GLY A 52 7.62 -9.21 3.05
N ARG A 53 6.93 -10.30 2.75
CA ARG A 53 6.89 -10.86 1.40
C ARG A 53 6.19 -9.87 0.47
N GLN A 54 5.10 -9.25 0.95
N GLN A 54 5.13 -9.24 0.98
CA GLN A 54 4.41 -8.29 0.08
CA GLN A 54 4.37 -8.26 0.21
C GLN A 54 5.26 -7.04 -0.17
C GLN A 54 5.23 -7.04 -0.14
N VAL A 55 6.03 -6.61 0.83
CA VAL A 55 6.87 -5.44 0.68
C VAL A 55 7.98 -5.69 -0.33
N ILE A 56 8.57 -6.88 -0.31
CA ILE A 56 9.59 -7.22 -1.29
C ILE A 56 8.98 -7.15 -2.71
N ALA A 57 7.77 -7.67 -2.87
CA ALA A 57 7.11 -7.60 -4.17
C ALA A 57 6.83 -6.17 -4.58
N ALA A 58 6.51 -5.33 -3.59
CA ALA A 58 6.22 -3.92 -3.86
C ALA A 58 7.48 -3.14 -4.29
N VAL A 59 8.64 -3.57 -3.78
CA VAL A 59 9.87 -2.90 -4.13
C VAL A 59 10.18 -3.22 -5.59
N LYS A 60 9.92 -4.46 -5.99
CA LYS A 60 10.16 -4.88 -7.38
C LYS A 60 9.20 -4.16 -8.31
N TRP A 61 7.98 -3.91 -7.82
CA TRP A 61 6.97 -3.19 -8.59
C TRP A 61 7.39 -1.73 -8.78
N ALA A 62 7.80 -1.08 -7.71
CA ALA A 62 8.20 0.31 -7.78
C ALA A 62 9.35 0.49 -8.79
N LYS A 63 10.29 -0.45 -8.82
CA LYS A 63 11.43 -0.29 -9.72
C LYS A 63 11.00 -0.22 -11.17
N ALA A 64 9.86 -0.84 -11.49
CA ALA A 64 9.33 -0.86 -12.85
C ALA A 64 8.44 0.34 -13.20
N ILE A 65 8.12 1.19 -12.22
N ILE A 65 8.20 1.21 -12.23
CA ILE A 65 7.27 2.36 -12.50
CA ILE A 65 7.40 2.40 -12.45
C ILE A 65 8.12 3.38 -13.24
C ILE A 65 8.21 3.38 -13.27
N PRO A 66 7.67 3.81 -14.43
CA PRO A 66 8.45 4.74 -15.25
C PRO A 66 8.94 5.97 -14.49
N GLY A 67 10.25 6.16 -14.50
CA GLY A 67 10.86 7.30 -13.85
C GLY A 67 11.31 7.04 -12.44
N PHE A 68 10.68 6.08 -11.74
CA PHE A 68 11.09 5.79 -10.37
C PHE A 68 12.56 5.55 -10.23
N ARG A 69 13.09 4.64 -11.07
CA ARG A 69 14.50 4.30 -10.99
C ARG A 69 15.42 5.46 -11.40
N ASN A 70 14.85 6.52 -11.97
CA ASN A 70 15.62 7.70 -12.37
C ASN A 70 15.78 8.72 -11.23
N LEU A 71 15.02 8.54 -10.15
CA LEU A 71 15.17 9.38 -8.96
C LEU A 71 16.48 8.95 -8.26
N HIS A 72 17.05 9.85 -7.46
CA HIS A 72 18.27 9.52 -6.71
C HIS A 72 17.98 8.27 -5.89
N LEU A 73 18.98 7.40 -5.72
CA LEU A 73 18.78 6.17 -4.96
C LEU A 73 18.26 6.44 -3.53
N ASP A 74 18.70 7.54 -2.93
CA ASP A 74 18.23 7.89 -1.59
C ASP A 74 16.74 8.21 -1.60
N ASP A 75 16.28 8.85 -2.69
CA ASP A 75 14.87 9.21 -2.83
C ASP A 75 14.04 7.92 -2.95
N GLN A 76 14.56 6.97 -3.71
CA GLN A 76 13.89 5.70 -3.91
C GLN A 76 13.72 4.98 -2.56
N MET A 77 14.81 4.91 -1.78
CA MET A 77 14.71 4.27 -0.47
C MET A 77 13.72 4.98 0.46
N THR A 78 13.82 6.30 0.51
CA THR A 78 12.97 7.09 1.36
C THR A 78 11.50 6.93 0.99
N LEU A 79 11.21 7.00 -0.30
CA LEU A 79 9.81 6.89 -0.75
C LEU A 79 9.23 5.53 -0.33
N LEU A 80 10.02 4.47 -0.46
CA LEU A 80 9.54 3.14 -0.08
C LEU A 80 9.41 3.03 1.44
N GLN A 81 10.33 3.63 2.19
CA GLN A 81 10.22 3.59 3.66
C GLN A 81 9.04 4.38 4.17
N TYR A 82 8.74 5.49 3.49
CA TYR A 82 7.64 6.32 3.94
C TYR A 82 6.27 5.75 3.50
N SER A 83 6.25 5.12 2.34
CA SER A 83 4.97 4.70 1.73
C SER A 83 4.57 3.24 1.90
N TRP A 84 5.49 2.37 2.35
CA TRP A 84 5.14 0.94 2.38
C TRP A 84 3.82 0.60 3.09
N MET A 85 3.56 1.25 4.22
CA MET A 85 2.31 0.95 4.91
C MET A 85 1.10 1.38 4.08
N PHE A 86 1.22 2.50 3.37
CA PHE A 86 0.14 2.96 2.51
C PHE A 86 -0.11 1.89 1.43
N LEU A 87 0.96 1.43 0.79
CA LEU A 87 0.80 0.45 -0.29
C LEU A 87 0.17 -0.82 0.24
N MET A 88 0.65 -1.29 1.41
CA MET A 88 0.11 -2.55 1.95
C MET A 88 -1.34 -2.46 2.38
N VAL A 89 -1.71 -1.36 3.05
CA VAL A 89 -3.08 -1.20 3.51
C VAL A 89 -4.03 -0.97 2.36
N PHE A 90 -3.59 -0.23 1.33
CA PHE A 90 -4.50 0.03 0.21
C PHE A 90 -4.79 -1.27 -0.57
N ALA A 91 -3.76 -2.11 -0.75
CA ALA A 91 -3.94 -3.39 -1.46
C ALA A 91 -4.80 -4.33 -0.60
N LEU A 92 -4.58 -4.33 0.72
CA LEU A 92 -5.42 -5.12 1.62
C LEU A 92 -6.89 -4.62 1.47
N GLY A 93 -7.07 -3.32 1.34
CA GLY A 93 -8.38 -2.72 1.14
C GLY A 93 -9.00 -3.23 -0.16
N TRP A 94 -8.21 -3.24 -1.23
CA TRP A 94 -8.71 -3.71 -2.54
C TRP A 94 -9.17 -5.17 -2.44
N ARG A 95 -8.32 -6.04 -1.91
CA ARG A 95 -8.69 -7.48 -1.78
C ARG A 95 -9.95 -7.63 -0.94
N SER A 96 -10.02 -6.91 0.16
CA SER A 96 -11.16 -7.00 1.07
C SER A 96 -12.46 -6.47 0.44
N TYR A 97 -12.34 -5.46 -0.42
CA TYR A 97 -13.47 -4.93 -1.15
C TYR A 97 -13.92 -5.95 -2.24
N ARG A 98 -12.99 -6.41 -3.07
CA ARG A 98 -13.35 -7.31 -4.18
C ARG A 98 -13.84 -8.68 -3.71
N GLN A 99 -13.24 -9.19 -2.64
CA GLN A 99 -13.57 -10.54 -2.15
C GLN A 99 -14.65 -10.57 -1.10
N ALA A 100 -14.84 -9.49 -0.37
CA ALA A 100 -15.75 -9.47 0.74
C ALA A 100 -16.59 -8.20 0.94
N SER A 101 -16.63 -7.32 -0.06
CA SER A 101 -17.39 -6.09 0.01
C SER A 101 -17.02 -5.24 1.22
N GLY A 102 -15.77 -5.39 1.68
CA GLY A 102 -15.27 -4.61 2.81
C GLY A 102 -15.71 -5.11 4.18
N ASN A 103 -16.25 -6.34 4.23
CA ASN A 103 -16.75 -6.87 5.49
C ASN A 103 -15.79 -7.74 6.27
N LEU A 104 -14.80 -8.32 5.59
CA LEU A 104 -13.83 -9.21 6.23
C LEU A 104 -12.47 -8.75 5.73
N LEU A 105 -11.44 -8.98 6.54
CA LEU A 105 -10.07 -8.63 6.18
C LEU A 105 -9.46 -9.77 5.33
N CYS A 106 -9.28 -9.50 4.04
CA CYS A 106 -8.74 -10.49 3.12
C CYS A 106 -7.24 -10.33 2.91
N PHE A 107 -6.46 -10.83 3.86
CA PHE A 107 -5.02 -10.67 3.77
C PHE A 107 -4.44 -11.44 2.61
N ALA A 108 -4.98 -12.64 2.43
CA ALA A 108 -4.52 -13.54 1.34
C ALA A 108 -5.66 -14.55 1.16
N PRO A 109 -5.67 -15.28 0.03
CA PRO A 109 -6.80 -16.18 -0.22
C PRO A 109 -6.92 -17.27 0.86
N ASP A 110 -5.80 -17.56 1.49
CA ASP A 110 -5.74 -18.56 2.57
C ASP A 110 -5.61 -17.91 3.94
N LEU A 111 -5.87 -16.60 4.02
CA LEU A 111 -5.81 -15.90 5.31
C LEU A 111 -6.83 -14.79 5.32
N ILE A 112 -8.05 -15.16 5.66
CA ILE A 112 -9.19 -14.24 5.70
C ILE A 112 -9.60 -14.16 7.15
N ILE A 113 -9.61 -12.95 7.70
N ILE A 113 -9.57 -12.96 7.71
CA ILE A 113 -9.95 -12.75 9.10
CA ILE A 113 -9.94 -12.79 9.11
C ILE A 113 -11.40 -12.34 9.22
C ILE A 113 -11.41 -12.37 9.21
N ASN A 114 -12.23 -13.25 9.77
CA ASN A 114 -13.65 -13.04 9.91
C ASN A 114 -14.05 -12.13 11.06
N GLU A 115 -15.34 -11.84 11.14
CA GLU A 115 -15.87 -10.96 12.17
C GLU A 115 -15.50 -11.40 13.58
N GLN A 116 -15.59 -12.69 13.89
CA GLN A 116 -15.24 -13.11 15.23
C GLN A 116 -13.79 -12.83 15.54
N ARG A 117 -12.90 -13.23 14.62
CA ARG A 117 -11.48 -13.01 14.86
C ARG A 117 -11.14 -11.53 14.89
N MET A 118 -11.84 -10.73 14.09
CA MET A 118 -11.56 -9.29 14.08
C MET A 118 -12.02 -8.62 15.37
N THR A 119 -12.86 -9.30 16.14
CA THR A 119 -13.39 -8.70 17.36
C THR A 119 -12.82 -9.33 18.63
N LEU A 120 -11.74 -10.10 18.50
CA LEU A 120 -11.04 -10.60 19.68
C LEU A 120 -10.49 -9.35 20.42
N PRO A 121 -10.26 -9.45 21.74
CA PRO A 121 -9.89 -8.28 22.55
C PRO A 121 -8.77 -7.44 21.99
N CYS A 122 -7.67 -8.07 21.59
CA CYS A 122 -6.52 -7.30 21.10
C CYS A 122 -6.45 -7.21 19.57
N MET A 123 -7.53 -7.62 18.91
CA MET A 123 -7.64 -7.49 17.45
C MET A 123 -8.62 -6.37 17.11
N TYR A 124 -9.60 -6.12 17.97
CA TYR A 124 -10.69 -5.18 17.67
C TYR A 124 -10.26 -3.84 17.09
N ASP A 125 -9.43 -3.13 17.84
CA ASP A 125 -9.05 -1.78 17.44
C ASP A 125 -8.22 -1.76 16.15
N GLN A 126 -7.17 -2.57 16.09
CA GLN A 126 -6.33 -2.54 14.89
C GLN A 126 -7.08 -3.01 13.64
N CYS A 127 -7.95 -3.99 13.79
CA CYS A 127 -8.70 -4.48 12.63
C CYS A 127 -9.70 -3.44 12.10
N LYS A 128 -10.30 -2.65 13.00
CA LYS A 128 -11.20 -1.59 12.53
C LYS A 128 -10.39 -0.63 11.62
N HIS A 129 -9.20 -0.27 12.07
CA HIS A 129 -8.36 0.63 11.29
C HIS A 129 -7.92 0.00 9.98
N MET A 130 -7.58 -1.28 10.03
CA MET A 130 -7.14 -1.96 8.79
C MET A 130 -8.25 -2.13 7.76
N LEU A 131 -9.48 -2.33 8.23
CA LEU A 131 -10.60 -2.55 7.32
C LEU A 131 -11.21 -1.27 6.75
N PHE A 132 -10.99 -0.14 7.40
CA PHE A 132 -11.62 1.10 6.98
C PHE A 132 -11.54 1.43 5.49
N ILE A 133 -10.33 1.46 4.94
CA ILE A 133 -10.22 1.86 3.53
C ILE A 133 -10.99 0.93 2.60
N SER A 134 -11.08 -0.34 2.98
CA SER A 134 -11.89 -1.27 2.16
C SER A 134 -13.35 -0.81 2.08
N THR A 135 -13.90 -0.34 3.19
CA THR A 135 -15.28 0.15 3.19
C THR A 135 -15.45 1.37 2.29
N GLU A 136 -14.39 2.18 2.16
CA GLU A 136 -14.47 3.35 1.27
C GLU A 136 -14.35 2.96 -0.20
N LEU A 137 -13.52 1.97 -0.50
CA LEU A 137 -13.42 1.48 -1.88
C LEU A 137 -14.78 0.89 -2.30
N GLN A 138 -15.41 0.20 -1.35
CA GLN A 138 -16.75 -0.37 -1.58
C GLN A 138 -17.79 0.75 -1.80
N ARG A 139 -17.79 1.74 -0.91
CA ARG A 139 -18.73 2.86 -0.99
C ARG A 139 -18.64 3.58 -2.33
N LEU A 140 -17.41 3.87 -2.73
CA LEU A 140 -17.13 4.59 -3.98
C LEU A 140 -17.13 3.74 -5.24
N GLN A 141 -17.22 2.41 -5.10
CA GLN A 141 -17.20 1.50 -6.22
C GLN A 141 -16.01 1.77 -7.14
N VAL A 142 -14.82 1.81 -6.52
CA VAL A 142 -13.60 2.09 -7.26
C VAL A 142 -13.30 1.00 -8.27
N SER A 143 -12.90 1.43 -9.47
CA SER A 143 -12.56 0.51 -10.52
C SER A 143 -11.12 0.06 -10.43
N TYR A 144 -10.77 -1.02 -11.12
CA TYR A 144 -9.38 -1.47 -11.07
C TYR A 144 -8.41 -0.43 -11.64
N GLU A 145 -8.79 0.24 -12.74
CA GLU A 145 -7.87 1.26 -13.28
C GLU A 145 -7.68 2.44 -12.32
N GLU A 146 -8.77 2.88 -11.70
CA GLU A 146 -8.68 3.93 -10.68
C GLU A 146 -7.76 3.48 -9.57
N TYR A 147 -7.97 2.25 -9.09
CA TYR A 147 -7.16 1.70 -8.00
C TYR A 147 -5.68 1.70 -8.36
N LEU A 148 -5.34 1.21 -9.55
CA LEU A 148 -3.93 1.15 -9.94
C LEU A 148 -3.28 2.53 -9.93
N CYS A 149 -3.99 3.53 -10.44
CA CYS A 149 -3.45 4.89 -10.46
C CYS A 149 -3.31 5.44 -9.04
N MET A 150 -4.32 5.23 -8.23
CA MET A 150 -4.28 5.69 -6.86
C MET A 150 -3.15 5.01 -6.08
N LYS A 151 -2.93 3.71 -6.32
CA LYS A 151 -1.88 3.02 -5.60
C LYS A 151 -0.49 3.60 -5.95
N THR A 152 -0.28 3.95 -7.23
CA THR A 152 0.98 4.60 -7.60
C THR A 152 1.11 5.96 -6.91
N LEU A 153 0.03 6.71 -6.84
CA LEU A 153 0.06 8.00 -6.14
C LEU A 153 0.44 7.84 -4.65
N LEU A 154 0.05 6.70 -4.06
CA LEU A 154 0.41 6.46 -2.65
C LEU A 154 1.91 6.23 -2.48
N LEU A 155 2.57 5.62 -3.47
CA LEU A 155 4.03 5.48 -3.44
C LEU A 155 4.65 6.90 -3.40
N LEU A 156 3.94 7.88 -3.96
CA LEU A 156 4.43 9.25 -4.15
C LEU A 156 3.67 10.26 -3.28
N SER A 157 3.19 9.84 -2.10
CA SER A 157 2.39 10.73 -1.28
C SER A 157 3.07 11.28 -0.02
N SER A 158 4.26 10.78 0.27
CA SER A 158 4.97 11.18 1.53
C SER A 158 6.44 11.40 1.21
N VAL A 159 6.96 12.55 1.61
CA VAL A 159 8.34 12.89 1.27
C VAL A 159 9.04 13.49 2.48
N PRO A 160 10.38 13.62 2.41
CA PRO A 160 11.08 14.26 3.53
C PRO A 160 10.70 15.72 3.58
N LYS A 161 10.56 16.26 4.78
CA LYS A 161 10.15 17.65 4.95
C LYS A 161 11.03 18.62 4.15
N GLU A 162 12.31 18.29 4.06
CA GLU A 162 13.30 19.15 3.41
C GLU A 162 13.34 18.98 1.88
N GLY A 163 12.55 18.04 1.37
CA GLY A 163 12.50 17.78 -0.06
C GLY A 163 13.34 16.59 -0.47
N LEU A 164 13.13 16.10 -1.69
CA LEU A 164 13.87 14.97 -2.20
C LEU A 164 15.08 15.53 -2.97
N LYS A 165 16.05 14.66 -3.24
CA LYS A 165 17.22 15.04 -4.02
C LYS A 165 16.82 15.28 -5.49
N SER A 166 15.91 14.46 -6.01
CA SER A 166 15.42 14.59 -7.38
C SER A 166 14.00 15.17 -7.37
N GLN A 167 13.82 16.29 -6.68
CA GLN A 167 12.50 16.87 -6.52
C GLN A 167 11.75 17.20 -7.81
N GLU A 168 12.43 17.80 -8.77
CA GLU A 168 11.75 18.20 -9.99
C GLU A 168 11.21 17.00 -10.77
N LEU A 169 12.01 15.95 -10.87
CA LEU A 169 11.61 14.75 -11.56
C LEU A 169 10.44 14.10 -10.80
N PHE A 170 10.57 14.03 -9.49
CA PHE A 170 9.49 13.45 -8.66
C PHE A 170 8.17 14.20 -8.90
N ASP A 171 8.21 15.53 -8.90
CA ASP A 171 6.98 16.30 -9.13
C ASP A 171 6.35 15.94 -10.49
N GLU A 172 7.21 15.80 -11.50
CA GLU A 172 6.76 15.45 -12.84
C GLU A 172 6.09 14.08 -12.84
N ILE A 173 6.78 13.09 -12.27
CA ILE A 173 6.23 11.73 -12.24
C ILE A 173 4.88 11.73 -11.52
N ARG A 174 4.83 12.41 -10.37
CA ARG A 174 3.61 12.45 -9.61
C ARG A 174 2.47 13.04 -10.43
N MET A 175 2.73 14.14 -11.14
CA MET A 175 1.69 14.74 -11.97
C MET A 175 1.25 13.80 -13.10
N THR A 176 2.16 12.97 -13.65
CA THR A 176 1.72 12.02 -14.67
C THR A 176 0.67 11.09 -14.12
N TYR A 177 0.84 10.63 -12.86
CA TYR A 177 -0.15 9.72 -12.30
C TYR A 177 -1.41 10.42 -11.85
N ILE A 178 -1.31 11.68 -11.47
CA ILE A 178 -2.54 12.43 -11.19
C ILE A 178 -3.37 12.50 -12.48
N LYS A 179 -2.73 12.85 -13.58
CA LYS A 179 -3.39 12.89 -14.91
C LYS A 179 -3.93 11.51 -15.32
N GLU A 180 -3.16 10.45 -15.03
CA GLU A 180 -3.62 9.10 -15.35
C GLU A 180 -4.87 8.74 -14.58
N LEU A 181 -4.95 9.14 -13.31
CA LEU A 181 -6.17 8.93 -12.53
C LEU A 181 -7.37 9.63 -13.18
N GLY A 182 -7.16 10.87 -13.64
CA GLY A 182 -8.23 11.56 -14.33
C GLY A 182 -8.68 10.81 -15.57
N LYS A 183 -7.74 10.22 -16.29
CA LYS A 183 -8.07 9.46 -17.51
C LYS A 183 -8.88 8.22 -17.14
N ALA A 184 -8.48 7.56 -16.06
CA ALA A 184 -9.19 6.37 -15.59
C ALA A 184 -10.61 6.70 -15.19
N ILE A 185 -10.81 7.85 -14.56
CA ILE A 185 -12.15 8.28 -14.18
C ILE A 185 -12.95 8.59 -15.46
N ALA A 186 -12.36 9.38 -16.35
CA ALA A 186 -13.03 9.84 -17.60
C ALA A 186 -13.43 8.68 -18.52
N LYS A 187 -12.61 7.63 -18.53
CA LYS A 187 -12.88 6.47 -19.40
C LYS A 187 -14.21 5.81 -19.08
N ARG A 188 -14.69 6.00 -17.85
CA ARG A 188 -15.99 5.50 -17.43
C ARG A 188 -17.12 6.09 -18.30
N GLY A 189 -16.85 7.21 -18.98
CA GLY A 189 -17.83 7.86 -19.84
C GLY A 189 -18.82 8.83 -19.21
N GLY A 190 -18.51 9.33 -18.01
CA GLY A 190 -19.38 10.29 -17.32
C GLY A 190 -19.24 11.66 -17.98
N ASN A 191 -20.08 12.61 -17.58
CA ASN A 191 -20.00 13.94 -18.15
C ASN A 191 -18.96 14.76 -17.38
N SER A 192 -18.67 15.98 -17.84
CA SER A 192 -17.60 16.79 -17.22
C SER A 192 -17.80 17.03 -15.75
N SER A 193 -19.05 17.27 -15.34
CA SER A 193 -19.36 17.53 -13.96
C SER A 193 -19.10 16.28 -13.11
N GLN A 194 -19.55 15.15 -13.61
CA GLN A 194 -19.38 13.90 -12.88
C GLN A 194 -17.88 13.60 -12.74
N ASN A 195 -17.13 13.92 -13.77
CA ASN A 195 -15.68 13.69 -13.74
C ASN A 195 -15.04 14.55 -12.64
N TRP A 196 -15.40 15.84 -12.61
CA TRP A 196 -14.91 16.75 -11.57
C TRP A 196 -15.25 16.19 -10.17
N GLN A 197 -16.50 15.80 -9.98
CA GLN A 197 -16.93 15.30 -8.70
C GLN A 197 -16.16 14.03 -8.30
N ARG A 198 -15.99 13.11 -9.24
CA ARG A 198 -15.32 11.85 -8.91
C ARG A 198 -13.84 12.06 -8.57
N PHE A 199 -13.18 12.92 -9.35
CA PHE A 199 -11.76 13.25 -9.07
C PHE A 199 -11.65 13.87 -7.67
N TYR A 200 -12.58 14.76 -7.33
CA TYR A 200 -12.58 15.33 -5.99
C TYR A 200 -12.73 14.22 -4.93
N GLN A 201 -13.66 13.31 -5.15
CA GLN A 201 -13.88 12.26 -4.15
C GLN A 201 -12.68 11.32 -4.01
N LEU A 202 -12.07 10.95 -5.13
CA LEU A 202 -10.94 10.02 -5.06
C LEU A 202 -9.68 10.67 -4.44
N THR A 203 -9.47 11.96 -4.71
CA THR A 203 -8.34 12.65 -4.09
C THR A 203 -8.60 12.88 -2.60
N LYS A 204 -9.87 13.03 -2.19
CA LYS A 204 -10.21 13.09 -0.76
C LYS A 204 -9.87 11.72 -0.15
N LEU A 205 -10.16 10.63 -0.88
CA LEU A 205 -9.84 9.29 -0.35
C LEU A 205 -8.32 9.14 -0.17
N LEU A 206 -7.55 9.55 -1.17
CA LEU A 206 -6.11 9.51 -1.08
C LEU A 206 -5.67 10.27 0.19
N ASP A 207 -6.17 11.49 0.36
CA ASP A 207 -5.76 12.28 1.53
C ASP A 207 -6.10 11.56 2.84
N SER A 208 -7.23 10.89 2.88
CA SER A 208 -7.67 10.23 4.12
C SER A 208 -6.73 9.07 4.52
N MET A 209 -5.94 8.57 3.57
CA MET A 209 -5.02 7.48 3.85
C MET A 209 -3.96 7.87 4.90
N HIS A 210 -3.62 9.15 4.98
CA HIS A 210 -2.57 9.52 5.95
C HIS A 210 -2.99 9.29 7.40
N ASP A 211 -4.24 9.64 7.74
CA ASP A 211 -4.71 9.43 9.12
C ASP A 211 -4.89 7.92 9.38
N VAL A 212 -5.32 7.17 8.38
CA VAL A 212 -5.41 5.69 8.55
C VAL A 212 -4.02 5.15 8.86
N VAL A 213 -3.06 5.54 8.06
CA VAL A 213 -1.71 5.06 8.27
C VAL A 213 -1.11 5.48 9.63
N GLU A 214 -1.41 6.69 10.08
CA GLU A 214 -0.96 7.11 11.43
C GLU A 214 -1.47 6.10 12.48
N ASN A 215 -2.74 5.67 12.33
CA ASN A 215 -3.32 4.71 13.28
C ASN A 215 -2.58 3.39 13.27
N LEU A 216 -2.22 2.95 12.06
CA LEU A 216 -1.55 1.66 11.88
C LEU A 216 -0.07 1.68 12.23
N LEU A 217 0.64 2.78 11.90
CA LEU A 217 2.05 2.83 12.26
C LEU A 217 2.21 2.81 13.79
N SER A 218 1.25 3.37 14.52
CA SER A 218 1.32 3.37 15.99
C SER A 218 1.40 1.92 16.49
N TYR A 219 0.57 1.03 15.91
CA TYR A 219 0.69 -0.40 16.24
C TYR A 219 1.98 -1.03 15.73
N CYS A 220 2.33 -0.76 14.48
CA CYS A 220 3.48 -1.37 13.89
C CYS A 220 4.73 -1.01 14.69
N PHE A 221 4.89 0.26 14.99
CA PHE A 221 6.11 0.67 15.70
C PHE A 221 6.13 0.16 17.14
N GLN A 222 5.00 0.20 17.84
CA GLN A 222 5.01 -0.27 19.24
C GLN A 222 5.24 -1.78 19.35
N THR A 223 4.61 -2.55 18.47
CA THR A 223 4.82 -4.00 18.50
C THR A 223 6.22 -4.37 18.03
N PHE A 224 6.82 -3.54 17.17
CA PHE A 224 8.18 -3.79 16.73
C PHE A 224 9.16 -3.48 17.89
N LEU A 225 8.98 -2.31 18.51
CA LEU A 225 9.94 -1.85 19.53
C LEU A 225 9.92 -2.64 20.83
N ASP A 226 8.74 -3.04 21.27
CA ASP A 226 8.61 -3.72 22.58
C ASP A 226 8.83 -5.19 22.38
N LYS A 227 10.09 -5.60 22.50
CA LYS A 227 10.48 -6.98 22.21
C LYS A 227 9.81 -7.94 23.17
N SER A 228 9.44 -7.44 24.34
CA SER A 228 8.79 -8.29 25.34
C SER A 228 7.43 -8.80 24.88
N MET A 229 6.86 -8.14 23.87
N MET A 229 6.85 -8.13 23.88
CA MET A 229 5.56 -8.55 23.33
CA MET A 229 5.56 -8.56 23.33
C MET A 229 5.70 -9.80 22.47
C MET A 229 5.70 -9.81 22.48
N SER A 230 6.94 -10.14 22.09
CA SER A 230 7.21 -11.34 21.28
C SER A 230 6.48 -11.40 19.94
N ILE A 231 6.25 -10.24 19.33
CA ILE A 231 5.63 -10.21 18.00
C ILE A 231 6.80 -10.10 17.09
N GLU A 232 6.88 -11.02 16.13
N GLU A 232 6.91 -11.02 16.14
CA GLU A 232 8.02 -11.08 15.23
CA GLU A 232 8.06 -11.02 15.26
C GLU A 232 7.79 -10.37 13.88
C GLU A 232 7.81 -10.40 13.89
N PHE A 233 8.88 -9.87 13.32
CA PHE A 233 8.87 -9.22 12.01
C PHE A 233 9.99 -9.84 11.17
N PRO A 234 9.74 -10.04 9.88
CA PRO A 234 10.84 -10.55 9.04
C PRO A 234 11.92 -9.50 8.81
N GLU A 235 13.09 -9.93 8.34
CA GLU A 235 14.22 -9.02 8.18
C GLU A 235 13.96 -7.76 7.39
N MET A 236 13.35 -7.93 6.22
CA MET A 236 13.07 -6.82 5.31
C MET A 236 12.29 -5.72 6.04
N LEU A 237 11.21 -6.14 6.66
CA LEU A 237 10.33 -5.21 7.37
C LEU A 237 11.04 -4.61 8.57
N ALA A 238 11.71 -5.46 9.34
CA ALA A 238 12.43 -4.96 10.50
C ALA A 238 13.40 -3.85 10.13
N GLU A 239 14.15 -4.06 9.05
CA GLU A 239 15.10 -3.05 8.60
C GLU A 239 14.37 -1.76 8.20
N ILE A 240 13.31 -1.87 7.41
CA ILE A 240 12.57 -0.67 7.00
C ILE A 240 12.03 0.07 8.22
N ILE A 241 11.37 -0.66 9.12
CA ILE A 241 10.82 -0.05 10.32
C ILE A 241 11.90 0.65 11.16
N THR A 242 13.04 -0.03 11.31
CA THR A 242 14.16 0.53 12.09
C THR A 242 14.59 1.89 11.54
N ASN A 243 14.58 2.00 10.22
CA ASN A 243 14.95 3.24 9.56
C ASN A 243 13.84 4.28 9.49
N GLN A 244 12.59 3.81 9.47
CA GLN A 244 11.44 4.69 9.41
C GLN A 244 11.12 5.41 10.71
N ILE A 245 11.23 4.71 11.84
CA ILE A 245 10.87 5.29 13.11
C ILE A 245 11.57 6.62 13.39
N PRO A 246 12.90 6.67 13.21
CA PRO A 246 13.53 7.96 13.54
C PRO A 246 13.02 9.12 12.68
N LYS A 247 12.70 8.84 11.42
CA LYS A 247 12.19 9.88 10.54
C LYS A 247 10.76 10.29 10.95
N TYR A 248 9.94 9.29 11.28
CA TYR A 248 8.60 9.57 11.72
C TYR A 248 8.62 10.41 13.02
N SER A 249 9.40 9.95 14.01
CA SER A 249 9.38 10.59 15.31
C SER A 249 10.02 11.97 15.33
N ASN A 250 10.92 12.21 14.37
CA ASN A 250 11.53 13.54 14.23
C ASN A 250 10.62 14.47 13.43
N GLY A 251 9.45 13.99 13.00
CA GLY A 251 8.50 14.79 12.24
C GLY A 251 8.96 15.08 10.82
N ASN A 252 9.78 14.19 10.26
CA ASN A 252 10.35 14.41 8.91
C ASN A 252 9.43 13.96 7.79
N ILE A 253 8.45 13.13 8.11
CA ILE A 253 7.57 12.60 7.06
C ILE A 253 6.46 13.59 6.72
N LYS A 254 6.59 14.22 5.54
CA LYS A 254 5.68 15.25 5.12
C LYS A 254 4.63 14.65 4.15
N LYS A 255 3.35 14.81 4.48
CA LYS A 255 2.26 14.31 3.63
C LYS A 255 1.93 15.27 2.53
N LEU A 256 1.73 14.74 1.32
CA LEU A 256 1.36 15.56 0.17
C LEU A 256 -0.15 15.50 -0.08
N LEU A 257 -0.86 16.44 0.50
CA LEU A 257 -2.30 16.46 0.47
C LEU A 257 -2.82 17.24 -0.69
N PHE A 258 -3.89 16.73 -1.30
CA PHE A 258 -4.57 17.46 -2.37
C PHE A 258 -5.43 18.57 -1.80
N HIS A 259 -5.97 18.36 -0.61
CA HIS A 259 -6.92 19.31 -0.03
C HIS A 259 -6.44 19.89 1.28
N GLN A 260 -6.82 21.14 1.51
CA GLN A 260 -6.51 21.90 2.73
C GLN A 260 -6.36 21.06 4.00
N GLU B 2 22.96 0.21 7.14
CA GLU B 2 21.70 0.54 7.81
C GLU B 2 20.51 0.20 6.92
N ASN B 3 20.75 0.13 5.61
CA ASN B 3 19.71 -0.13 4.63
C ASN B 3 20.13 -1.23 3.66
N ALA B 4 20.99 -2.13 4.11
CA ALA B 4 21.50 -3.18 3.25
C ALA B 4 20.46 -3.94 2.42
N LEU B 5 19.45 -4.52 3.08
CA LEU B 5 18.48 -5.32 2.36
C LEU B 5 17.68 -4.55 1.30
N LEU B 6 17.16 -3.38 1.66
CA LEU B 6 16.40 -2.58 0.71
C LEU B 6 17.29 -2.08 -0.42
N ARG B 7 18.53 -1.71 -0.08
CA ARG B 7 19.49 -1.25 -1.08
C ARG B 7 19.86 -2.39 -2.02
N TYR B 8 19.98 -3.58 -1.48
CA TYR B 8 20.30 -4.74 -2.31
C TYR B 8 19.21 -4.99 -3.35
N LEU B 9 17.96 -4.95 -2.90
CA LEU B 9 16.82 -5.16 -3.78
C LEU B 9 16.75 -4.11 -4.87
N LEU B 10 17.03 -2.87 -4.50
CA LEU B 10 16.93 -1.75 -5.44
C LEU B 10 18.03 -1.76 -6.48
N ASP B 11 19.08 -2.56 -6.25
CA ASP B 11 20.20 -2.60 -7.20
C ASP B 11 20.26 -3.88 -8.03
C1 GOL C . -4.41 -6.23 -7.21
O1 GOL C . -4.80 -7.59 -7.39
C2 GOL C . -3.58 -6.20 -5.89
O2 GOL C . -2.93 -5.01 -5.66
C3 GOL C . -4.40 -6.77 -4.69
O3 GOL C . -3.52 -7.05 -3.57
C1 DEX D . 0.74 -7.35 6.27
C2 DEX D . 0.07 -7.81 5.24
C3 DEX D . -0.91 -7.12 4.43
C4 DEX D . -1.27 -5.73 4.78
C5 DEX D . -0.60 -5.16 5.84
C6 DEX D . -0.98 -3.74 6.25
C7 DEX D . -1.36 -3.61 7.73
C8 DEX D . -0.12 -4.26 8.66
C9 DEX D . 0.11 -5.78 8.17
C10 DEX D . 0.47 -5.83 6.57
C11 DEX D . 1.07 -6.55 9.10
C12 DEX D . 0.67 -6.36 10.60
C13 DEX D . 0.59 -4.82 10.99
C14 DEX D . -0.53 -4.20 10.12
C15 DEX D . -0.85 -2.80 10.76
C16 DEX D . -0.60 -3.12 12.26
C17 DEX D . -0.12 -4.57 12.43
C18 DEX D . 2.02 -4.14 10.95
C19 DEX D . 1.76 -5.05 6.26
C20 DEX D . 0.83 -4.73 13.54
C21 DEX D . 1.11 -6.13 14.09
C22 DEX D . -1.99 -2.90 13.02
F1 DEX D . -1.09 -6.38 8.30
O1 DEX D . -1.50 -7.69 3.50
O2 DEX D . 2.43 -6.14 8.87
O3 DEX D . -1.19 -5.53 12.60
O4 DEX D . 1.49 -3.88 14.01
O5 DEX D . 2.39 -6.30 14.76
S SCN E . -7.11 -11.07 21.48
C SCN E . -6.70 -12.70 21.68
N SCN E . -6.44 -13.63 21.75
C1 GOL F . -0.49 8.03 -23.01
O1 GOL F . -0.71 9.03 -24.10
C2 GOL F . -0.26 8.93 -21.78
O2 GOL F . -1.49 9.64 -21.50
C3 GOL F . 0.25 8.11 -20.55
O3 GOL F . -0.71 7.15 -20.25
S SCN G . -11.42 13.49 -14.10
C SCN G . -10.45 13.91 -15.54
N SCN G . -9.74 14.21 -16.39
#